data_2FMD
#
_entry.id   2FMD
#
_cell.length_a   66.603
_cell.length_b   86.351
_cell.length_c   91.760
_cell.angle_alpha   90.00
_cell.angle_beta   90.00
_cell.angle_gamma   90.00
#
_symmetry.space_group_name_H-M   'I 2 2 2'
#
loop_
_entity.id
_entity.type
_entity.pdbx_description
1 polymer Lectin
2 branched alpha-D-mannopyranose-(1-2)-alpha-D-mannopyranose
3 non-polymer 'CALCIUM ION'
4 non-polymer 'MANGANESE (II) ION'
5 water water
#
_entity_poly.entity_id   1
_entity_poly.type   'polypeptide(L)'
_entity_poly.pdbx_seq_one_letter_code
;ANSVCFTFTDFESGQQDLIFQGDASVGSNKALQLTKVDSKGNPQGGSVGRALYTAPIRLWQSSSLVASFETTFTFSISQG
SSTPADALTFFIASPDTKIPSGSGGRLLGLFGSSNNAGSDNGVVSVEFDTYPNTDIGDPNYRHIGIDVNSIRSKAASKWD
WQNGKTATAHISYNSASKRLSVVSSYPNSSPVVVSFDVELNNVBPBWVRVGFSATTGQYTQTNNILAWSFRSSLMGYQAN
;
_entity_poly.pdbx_strand_id   A
#
# COMPACT_ATOMS: atom_id res chain seq x y z
N ALA A 1 -9.04 -12.92 14.82
CA ALA A 1 -8.14 -13.45 15.88
C ALA A 1 -7.66 -12.31 16.78
N ASN A 2 -7.25 -12.64 18.00
CA ASN A 2 -6.78 -11.61 18.92
C ASN A 2 -5.41 -11.10 18.50
N SER A 3 -4.67 -11.94 17.78
CA SER A 3 -3.36 -11.55 17.27
C SER A 3 -3.08 -12.38 16.03
N VAL A 4 -2.36 -11.79 15.09
CA VAL A 4 -2.03 -12.47 13.86
C VAL A 4 -0.77 -11.89 13.26
N CYS A 5 0.06 -12.76 12.72
CA CYS A 5 1.31 -12.32 12.10
CA CYS A 5 1.33 -12.35 12.12
C CYS A 5 1.66 -13.28 10.97
N PHE A 6 2.24 -12.73 9.91
CA PHE A 6 2.64 -13.54 8.77
C PHE A 6 3.81 -12.88 8.10
N THR A 7 4.65 -13.70 7.46
CA THR A 7 5.82 -13.18 6.79
C THR A 7 6.03 -13.85 5.45
N PHE A 8 6.25 -13.02 4.44
CA PHE A 8 6.51 -13.46 3.08
C PHE A 8 7.92 -12.98 2.77
N THR A 9 8.84 -13.92 2.56
CA THR A 9 10.22 -13.54 2.22
C THR A 9 10.26 -13.42 0.71
N ASP A 10 9.32 -14.09 0.05
CA ASP A 10 9.16 -14.05 -1.40
C ASP A 10 7.78 -14.59 -1.73
N PHE A 11 7.47 -14.65 -3.02
CA PHE A 11 6.15 -15.11 -3.47
C PHE A 11 6.26 -16.10 -4.62
N GLU A 12 5.18 -16.84 -4.87
CA GLU A 12 5.13 -17.80 -5.96
C GLU A 12 3.86 -17.57 -6.76
N SER A 13 3.84 -18.09 -7.99
CA SER A 13 2.66 -17.93 -8.83
C SER A 13 1.45 -18.57 -8.16
N GLY A 14 0.35 -17.83 -8.13
CA GLY A 14 -0.87 -18.33 -7.50
C GLY A 14 -0.90 -18.26 -5.99
N GLN A 15 0.16 -17.72 -5.38
CA GLN A 15 0.28 -17.57 -3.93
C GLN A 15 -1.07 -17.78 -3.27
N GLN A 16 -1.33 -19.01 -2.81
CA GLN A 16 -2.61 -19.38 -2.23
C GLN A 16 -3.14 -18.55 -1.06
N ASP A 17 -2.27 -17.94 -0.27
CA ASP A 17 -2.74 -17.13 0.85
C ASP A 17 -2.89 -15.65 0.53
N LEU A 18 -2.97 -15.34 -0.76
CA LEU A 18 -3.19 -13.98 -1.21
C LEU A 18 -4.40 -13.91 -2.12
N ILE A 19 -5.14 -12.81 -2.05
CA ILE A 19 -6.29 -12.58 -2.91
C ILE A 19 -5.77 -11.60 -3.96
N PHE A 20 -5.78 -12.00 -5.23
CA PHE A 20 -5.29 -11.15 -6.32
C PHE A 20 -6.44 -10.40 -6.99
N GLN A 21 -6.24 -9.11 -7.24
CA GLN A 21 -7.27 -8.31 -7.90
C GLN A 21 -6.63 -7.55 -9.06
N GLY A 22 -7.40 -7.33 -10.11
CA GLY A 22 -6.89 -6.63 -11.27
C GLY A 22 -5.76 -7.36 -11.96
N ASP A 23 -4.68 -6.66 -12.24
CA ASP A 23 -3.54 -7.25 -12.93
C ASP A 23 -2.49 -7.90 -12.03
N ALA A 24 -2.65 -7.77 -10.72
CA ALA A 24 -1.68 -8.34 -9.78
C ALA A 24 -1.36 -9.81 -10.00
N SER A 25 -0.07 -10.15 -9.95
CA SER A 25 0.38 -11.52 -10.13
C SER A 25 1.80 -11.63 -9.60
N VAL A 26 2.33 -12.85 -9.59
CA VAL A 26 3.68 -13.12 -9.12
C VAL A 26 4.53 -13.50 -10.33
N GLY A 27 5.67 -12.84 -10.49
CA GLY A 27 6.53 -13.13 -11.62
C GLY A 27 7.55 -14.22 -11.38
N SER A 28 8.30 -14.56 -12.42
CA SER A 28 9.33 -15.59 -12.35
C SER A 28 10.42 -15.12 -11.38
N ASN A 29 10.43 -13.83 -11.10
CA ASN A 29 11.41 -13.24 -10.19
C ASN A 29 11.01 -13.45 -8.72
N LYS A 30 9.85 -14.07 -8.51
CA LYS A 30 9.32 -14.34 -7.18
C LYS A 30 8.89 -13.07 -6.47
N ALA A 31 8.62 -12.03 -7.24
CA ALA A 31 8.17 -10.77 -6.68
C ALA A 31 6.69 -10.58 -6.96
N LEU A 32 6.01 -9.88 -6.06
CA LEU A 32 4.59 -9.61 -6.25
C LEU A 32 4.49 -8.40 -7.18
N GLN A 33 4.20 -8.66 -8.45
CA GLN A 33 4.07 -7.61 -9.46
C GLN A 33 2.65 -7.09 -9.42
N LEU A 34 2.42 -6.02 -8.67
CA LEU A 34 1.07 -5.46 -8.56
C LEU A 34 0.51 -5.04 -9.90
N THR A 35 1.33 -4.43 -10.74
CA THR A 35 0.89 -4.01 -12.06
C THR A 35 1.52 -4.83 -13.18
N LYS A 36 0.86 -4.80 -14.34
CA LYS A 36 1.30 -5.58 -15.50
C LYS A 36 2.69 -5.27 -16.05
N VAL A 37 3.45 -6.34 -16.27
CA VAL A 37 4.79 -6.28 -16.82
C VAL A 37 4.81 -7.36 -17.92
N ASP A 38 5.17 -6.99 -19.15
CA ASP A 38 5.17 -7.95 -20.24
C ASP A 38 6.31 -8.97 -20.19
N SER A 39 6.27 -9.91 -21.12
CA SER A 39 7.26 -10.97 -21.24
C SER A 39 8.70 -10.47 -21.29
N LYS A 40 8.89 -9.29 -21.87
CA LYS A 40 10.22 -8.71 -21.97
C LYS A 40 10.60 -7.97 -20.69
N GLY A 41 9.64 -7.84 -19.78
CA GLY A 41 9.91 -7.15 -18.53
C GLY A 41 9.58 -5.67 -18.57
N ASN A 42 8.82 -5.26 -19.57
CA ASN A 42 8.44 -3.86 -19.71
C ASN A 42 7.09 -3.60 -19.02
N PRO A 43 7.06 -2.68 -18.04
CA PRO A 43 5.79 -2.40 -17.36
C PRO A 43 4.78 -1.81 -18.35
N GLN A 44 3.53 -2.25 -18.24
CA GLN A 44 2.47 -1.77 -19.14
C GLN A 44 1.69 -0.60 -18.56
N GLY A 45 1.17 0.25 -19.44
CA GLY A 45 0.40 1.40 -18.99
C GLY A 45 -1.04 1.04 -18.70
N GLY A 46 -1.77 1.97 -18.09
CA GLY A 46 -3.16 1.72 -17.76
C GLY A 46 -3.40 0.43 -16.98
N SER A 47 -2.47 0.11 -16.08
CA SER A 47 -2.59 -1.11 -15.30
C SER A 47 -3.04 -0.83 -13.87
N VAL A 48 -3.68 -1.82 -13.26
CA VAL A 48 -4.13 -1.70 -11.89
C VAL A 48 -4.17 -3.10 -11.29
N GLY A 49 -3.66 -3.21 -10.07
CA GLY A 49 -3.64 -4.51 -9.43
C GLY A 49 -3.50 -4.34 -7.93
N ARG A 50 -4.07 -5.28 -7.19
CA ARG A 50 -3.99 -5.23 -5.74
C ARG A 50 -3.89 -6.67 -5.25
N ALA A 51 -3.37 -6.84 -4.04
CA ALA A 51 -3.23 -8.16 -3.44
C ALA A 51 -3.49 -8.00 -1.95
N LEU A 52 -4.29 -8.92 -1.41
CA LEU A 52 -4.67 -8.88 0.00
C LEU A 52 -4.40 -10.22 0.67
N TYR A 53 -4.04 -10.19 1.96
CA TYR A 53 -3.84 -11.44 2.67
C TYR A 53 -5.24 -12.06 2.71
N THR A 54 -5.32 -13.34 2.37
CA THR A 54 -6.59 -14.06 2.33
CA THR A 54 -6.60 -14.04 2.32
C THR A 54 -7.46 -13.95 3.57
N ALA A 55 -6.87 -14.04 4.75
CA ALA A 55 -7.64 -13.97 5.98
C ALA A 55 -7.99 -12.57 6.46
N PRO A 56 -9.25 -12.36 6.87
CA PRO A 56 -9.69 -11.06 7.36
C PRO A 56 -8.94 -10.83 8.70
N ILE A 57 -8.65 -9.57 9.01
CA ILE A 57 -7.94 -9.26 10.26
C ILE A 57 -8.82 -8.41 11.17
N ARG A 58 -8.87 -8.77 12.45
CA ARG A 58 -9.66 -8.02 13.43
C ARG A 58 -8.74 -6.91 13.91
N LEU A 59 -8.93 -5.71 13.36
CA LEU A 59 -8.07 -4.60 13.72
C LEU A 59 -8.51 -3.88 15.00
N TRP A 60 -9.78 -4.00 15.35
CA TRP A 60 -10.28 -3.36 16.56
C TRP A 60 -11.42 -4.14 17.21
N GLN A 61 -11.57 -3.94 18.52
CA GLN A 61 -12.61 -4.59 19.32
C GLN A 61 -12.83 -3.68 20.51
N SER A 62 -14.09 -3.27 20.74
CA SER A 62 -14.40 -2.36 21.83
C SER A 62 -13.90 -2.80 23.20
N SER A 63 -13.95 -4.09 23.48
CA SER A 63 -13.50 -4.59 24.77
C SER A 63 -11.99 -4.60 24.98
N SER A 64 -11.21 -4.41 23.91
CA SER A 64 -9.76 -4.41 24.00
C SER A 64 -9.16 -3.22 24.72
N LEU A 65 -8.05 -3.45 25.39
CA LEU A 65 -7.32 -2.41 26.10
C LEU A 65 -6.60 -1.58 25.04
N VAL A 66 -5.92 -2.26 24.12
CA VAL A 66 -5.20 -1.58 23.06
C VAL A 66 -5.11 -2.47 21.81
N ALA A 67 -5.07 -1.81 20.65
CA ALA A 67 -4.98 -2.51 19.38
C ALA A 67 -3.82 -1.90 18.60
N SER A 68 -3.03 -2.75 17.97
CA SER A 68 -1.90 -2.24 17.21
C SER A 68 -1.55 -3.17 16.06
N PHE A 69 -0.82 -2.62 15.10
CA PHE A 69 -0.36 -3.38 13.95
C PHE A 69 0.90 -2.70 13.45
N GLU A 70 1.69 -3.45 12.72
CA GLU A 70 2.90 -2.91 12.15
C GLU A 70 3.17 -3.81 10.97
N THR A 71 3.77 -3.25 9.93
CA THR A 71 4.06 -4.04 8.76
C THR A 71 5.34 -3.47 8.16
N THR A 72 6.18 -4.36 7.64
CA THR A 72 7.41 -3.95 7.00
C THR A 72 7.43 -4.65 5.66
N PHE A 73 7.84 -3.95 4.62
CA PHE A 73 7.90 -4.54 3.31
C PHE A 73 8.95 -3.88 2.45
N THR A 74 9.47 -4.63 1.49
CA THR A 74 10.47 -4.14 0.57
C THR A 74 9.81 -4.11 -0.80
N PHE A 75 10.19 -3.12 -1.60
CA PHE A 75 9.59 -3.01 -2.92
C PHE A 75 10.55 -2.35 -3.89
N SER A 76 10.33 -2.64 -5.17
CA SER A 76 11.15 -2.10 -6.23
C SER A 76 10.25 -1.43 -7.26
N ILE A 77 10.64 -0.23 -7.68
CA ILE A 77 9.90 0.52 -8.67
C ILE A 77 10.87 0.98 -9.74
N SER A 78 10.76 0.37 -10.92
CA SER A 78 11.62 0.70 -12.06
C SER A 78 10.73 1.30 -13.14
N GLN A 79 11.07 2.49 -13.60
CA GLN A 79 10.27 3.14 -14.63
C GLN A 79 10.33 2.37 -15.94
N GLY A 80 9.24 2.45 -16.70
CA GLY A 80 9.19 1.80 -17.99
C GLY A 80 9.43 2.92 -18.99
N SER A 81 8.60 3.96 -18.87
CA SER A 81 8.70 5.15 -19.70
C SER A 81 9.79 6.02 -19.07
N SER A 82 10.24 7.05 -19.78
CA SER A 82 11.30 7.91 -19.28
C SER A 82 10.98 8.49 -17.91
N THR A 83 9.70 8.57 -17.60
CA THR A 83 9.26 9.09 -16.31
C THR A 83 8.28 8.08 -15.71
N PRO A 84 8.48 7.71 -14.43
CA PRO A 84 7.63 6.75 -13.71
C PRO A 84 6.25 7.23 -13.28
N ALA A 85 5.34 6.27 -13.15
CA ALA A 85 3.97 6.52 -12.71
C ALA A 85 3.30 5.16 -12.54
N ASP A 86 2.31 5.05 -11.65
CA ASP A 86 1.82 6.13 -10.81
C ASP A 86 2.18 6.00 -9.34
N ALA A 87 2.21 4.76 -8.85
CA ALA A 87 2.56 4.51 -7.46
C ALA A 87 2.00 3.20 -6.93
N LEU A 88 2.40 2.89 -5.71
CA LEU A 88 1.92 1.70 -5.02
C LEU A 88 1.63 2.13 -3.59
N THR A 89 0.91 1.30 -2.86
CA THR A 89 0.56 1.66 -1.50
C THR A 89 0.13 0.47 -0.68
N PHE A 90 0.30 0.61 0.63
CA PHE A 90 -0.14 -0.42 1.56
C PHE A 90 -1.49 0.14 1.96
N PHE A 91 -2.51 -0.69 2.05
CA PHE A 91 -3.80 -0.17 2.44
C PHE A 91 -4.60 -1.14 3.30
N ILE A 92 -5.59 -0.59 3.98
CA ILE A 92 -6.46 -1.36 4.86
C ILE A 92 -7.89 -0.96 4.49
N ALA A 93 -8.75 -1.96 4.31
CA ALA A 93 -10.14 -1.69 3.93
C ALA A 93 -11.05 -2.82 4.39
N SER A 94 -12.34 -2.71 4.10
CA SER A 94 -13.27 -3.77 4.49
C SER A 94 -12.82 -5.05 3.80
N PRO A 95 -13.13 -6.21 4.40
CA PRO A 95 -12.76 -7.52 3.87
C PRO A 95 -13.19 -7.77 2.42
N ASP A 96 -14.34 -7.23 2.04
CA ASP A 96 -14.86 -7.43 0.70
C ASP A 96 -14.46 -6.31 -0.28
N THR A 97 -13.47 -5.52 0.11
CA THR A 97 -13.00 -4.43 -0.74
C THR A 97 -12.58 -4.91 -2.13
N LYS A 98 -12.92 -4.11 -3.13
CA LYS A 98 -12.56 -4.44 -4.50
C LYS A 98 -12.08 -3.17 -5.21
N ILE A 99 -11.35 -3.33 -6.30
CA ILE A 99 -10.86 -2.19 -7.07
C ILE A 99 -12.03 -1.30 -7.46
N PRO A 100 -12.06 -0.06 -6.94
CA PRO A 100 -13.15 0.85 -7.29
C PRO A 100 -13.16 1.16 -8.78
N SER A 101 -14.35 1.38 -9.32
CA SER A 101 -14.48 1.72 -10.73
C SER A 101 -13.82 3.08 -10.94
N GLY A 102 -13.05 3.21 -12.03
CA GLY A 102 -12.39 4.46 -12.35
C GLY A 102 -11.27 4.87 -11.40
N SER A 103 -10.66 3.88 -10.73
CA SER A 103 -9.58 4.14 -9.79
C SER A 103 -8.17 4.05 -10.39
N GLY A 104 -8.11 3.99 -11.72
CA GLY A 104 -6.81 3.88 -12.38
C GLY A 104 -5.88 5.06 -12.26
N GLY A 105 -4.66 4.88 -12.76
CA GLY A 105 -3.67 5.94 -12.74
C GLY A 105 -3.49 6.67 -11.41
N ARG A 106 -3.72 7.98 -11.43
CA ARG A 106 -3.56 8.82 -10.24
C ARG A 106 -4.37 8.42 -9.01
N LEU A 107 -5.32 7.50 -9.15
CA LEU A 107 -6.10 7.09 -7.98
C LEU A 107 -5.53 5.85 -7.29
N LEU A 108 -4.44 5.35 -7.85
CA LEU A 108 -3.74 4.20 -7.31
CA LEU A 108 -3.74 4.21 -7.29
C LEU A 108 -4.60 2.97 -7.03
N GLY A 109 -5.75 2.89 -7.68
CA GLY A 109 -6.63 1.75 -7.48
C GLY A 109 -7.27 1.67 -6.11
N LEU A 110 -7.14 2.75 -5.34
CA LEU A 110 -7.68 2.82 -4.00
C LEU A 110 -9.04 3.50 -3.92
N PHE A 111 -9.20 4.59 -4.67
CA PHE A 111 -10.43 5.36 -4.65
C PHE A 111 -11.04 5.52 -6.02
N GLY A 112 -12.37 5.65 -6.07
CA GLY A 112 -13.05 5.83 -7.33
C GLY A 112 -13.31 7.30 -7.61
N SER A 113 -12.92 8.14 -6.66
CA SER A 113 -13.10 9.58 -6.77
C SER A 113 -11.85 10.34 -6.35
N SER A 114 -11.64 11.50 -6.95
CA SER A 114 -10.47 12.31 -6.62
C SER A 114 -10.86 13.38 -5.59
N ASN A 115 -12.06 13.25 -5.03
CA ASN A 115 -12.56 14.20 -4.04
C ASN A 115 -11.60 14.38 -2.86
N ASP A 120 -17.21 1.63 7.69
CA ASP A 120 -18.05 0.65 7.01
C ASP A 120 -17.60 0.50 5.55
N ASN A 121 -16.93 1.53 5.04
CA ASN A 121 -16.43 1.54 3.67
C ASN A 121 -15.16 2.40 3.67
N GLY A 122 -14.58 2.54 4.86
CA GLY A 122 -13.37 3.34 5.00
C GLY A 122 -12.15 2.73 4.33
N VAL A 123 -11.22 3.62 3.95
CA VAL A 123 -9.98 3.22 3.29
C VAL A 123 -8.82 4.02 3.87
N VAL A 124 -7.86 3.31 4.43
CA VAL A 124 -6.67 3.94 4.98
C VAL A 124 -5.48 3.34 4.23
N SER A 125 -4.59 4.18 3.77
CA SER A 125 -3.43 3.68 3.04
C SER A 125 -2.25 4.61 3.12
N VAL A 126 -1.08 4.05 2.83
CA VAL A 126 0.15 4.81 2.82
C VAL A 126 0.61 4.70 1.39
N GLU A 127 0.56 5.82 0.67
CA GLU A 127 0.95 5.82 -0.73
C GLU A 127 2.39 6.24 -0.97
N PHE A 128 3.00 5.60 -1.97
CA PHE A 128 4.36 5.87 -2.40
C PHE A 128 4.13 6.39 -3.81
N ASP A 129 3.94 7.70 -3.90
CA ASP A 129 3.60 8.39 -5.14
C ASP A 129 4.77 8.83 -6.00
N THR A 130 4.90 8.21 -7.18
CA THR A 130 5.99 8.50 -8.09
C THR A 130 5.68 9.55 -9.17
N TYR A 131 4.43 9.99 -9.26
CA TYR A 131 4.04 10.97 -10.26
C TYR A 131 3.17 12.07 -9.68
N PRO A 132 3.70 13.29 -9.59
CA PRO A 132 2.91 14.40 -9.04
C PRO A 132 1.71 14.77 -9.89
N ASN A 133 0.51 14.66 -9.31
CA ASN A 133 -0.73 15.04 -9.98
C ASN A 133 -1.21 16.24 -9.18
N THR A 134 -0.62 17.40 -9.44
CA THR A 134 -0.94 18.63 -8.72
C THR A 134 -2.39 19.09 -8.72
N ASP A 135 -3.14 18.81 -9.79
CA ASP A 135 -4.53 19.25 -9.82
C ASP A 135 -5.38 18.52 -8.79
N ILE A 136 -4.85 17.47 -8.18
CA ILE A 136 -5.61 16.74 -7.15
C ILE A 136 -4.91 16.71 -5.80
N GLY A 137 -4.13 17.75 -5.50
CA GLY A 137 -3.47 17.81 -4.21
C GLY A 137 -2.02 17.38 -4.07
N ASP A 138 -1.51 16.60 -5.02
CA ASP A 138 -0.12 16.16 -4.95
C ASP A 138 0.89 17.29 -4.93
N PRO A 139 1.87 17.22 -4.01
CA PRO A 139 2.86 18.29 -3.97
C PRO A 139 3.62 18.11 -5.29
N ASN A 140 4.32 19.13 -5.76
CA ASN A 140 5.03 18.99 -7.02
C ASN A 140 6.36 18.25 -6.93
N TYR A 141 6.30 16.99 -6.52
CA TYR A 141 7.48 16.14 -6.38
C TYR A 141 7.04 14.79 -5.84
N ARG A 142 7.87 13.78 -6.02
CA ARG A 142 7.53 12.45 -5.52
C ARG A 142 7.42 12.50 -4.01
N HIS A 143 6.52 11.71 -3.46
CA HIS A 143 6.29 11.75 -2.02
C HIS A 143 5.64 10.50 -1.50
N ILE A 144 5.59 10.40 -0.18
CA ILE A 144 4.92 9.30 0.51
C ILE A 144 3.83 10.01 1.29
N GLY A 145 2.64 9.45 1.27
CA GLY A 145 1.53 10.07 1.96
C GLY A 145 0.61 9.10 2.65
N ILE A 146 -0.09 9.63 3.65
CA ILE A 146 -1.04 8.85 4.42
C ILE A 146 -2.42 9.32 3.98
N ASP A 147 -3.18 8.41 3.38
CA ASP A 147 -4.51 8.75 2.90
C ASP A 147 -5.60 8.10 3.76
N VAL A 148 -6.60 8.90 4.10
CA VAL A 148 -7.72 8.42 4.90
C VAL A 148 -9.00 8.79 4.16
N ASN A 149 -9.58 7.81 3.46
CA ASN A 149 -10.80 8.00 2.69
C ASN A 149 -10.69 8.99 1.53
N SER A 150 -9.47 9.35 1.15
CA SER A 150 -9.27 10.29 0.07
C SER A 150 -7.88 10.17 -0.54
N ILE A 151 -7.80 10.35 -1.85
CA ILE A 151 -6.53 10.29 -2.55
C ILE A 151 -5.70 11.49 -2.11
N ARG A 152 -6.39 12.50 -1.57
CA ARG A 152 -5.72 13.70 -1.07
C ARG A 152 -5.15 13.40 0.30
N SER A 153 -3.85 13.10 0.32
CA SER A 153 -3.15 12.76 1.55
C SER A 153 -3.35 13.74 2.70
N LYS A 154 -3.61 13.19 3.89
CA LYS A 154 -3.80 13.99 5.09
C LYS A 154 -2.44 14.47 5.58
N ALA A 155 -1.40 13.74 5.18
CA ALA A 155 -0.03 14.06 5.56
C ALA A 155 0.88 13.45 4.50
N ALA A 156 1.95 14.16 4.16
CA ALA A 156 2.89 13.68 3.14
C ALA A 156 4.26 14.32 3.27
N SER A 157 5.27 13.64 2.76
CA SER A 157 6.64 14.15 2.80
C SER A 157 7.33 13.83 1.50
N LYS A 158 8.26 14.70 1.11
CA LYS A 158 9.01 14.50 -0.12
C LYS A 158 9.73 13.17 -0.01
N TRP A 159 9.69 12.41 -1.09
CA TRP A 159 10.29 11.10 -1.14
C TRP A 159 11.25 11.00 -2.33
N ASP A 160 12.50 10.70 -2.03
CA ASP A 160 13.49 10.57 -3.10
C ASP A 160 13.55 9.16 -3.65
N TRP A 161 12.53 8.83 -4.44
CA TRP A 161 12.44 7.53 -5.10
C TRP A 161 13.72 7.27 -5.88
N GLN A 162 14.16 6.02 -5.87
CA GLN A 162 15.36 5.64 -6.60
C GLN A 162 14.98 4.51 -7.55
N ASN A 163 15.16 4.75 -8.85
CA ASN A 163 14.80 3.78 -9.87
C ASN A 163 15.41 2.41 -9.68
N GLY A 164 14.55 1.39 -9.62
CA GLY A 164 15.02 0.02 -9.48
C GLY A 164 15.52 -0.46 -8.13
N LYS A 165 16.08 0.43 -7.34
CA LYS A 165 16.62 0.05 -6.03
C LYS A 165 15.53 -0.49 -5.09
N THR A 166 15.91 -1.38 -4.18
CA THR A 166 14.96 -1.95 -3.25
C THR A 166 14.77 -1.04 -2.05
N ALA A 167 13.53 -0.58 -1.82
CA ALA A 167 13.23 0.28 -0.70
C ALA A 167 12.66 -0.56 0.43
N THR A 168 12.82 -0.08 1.66
CA THR A 168 12.29 -0.76 2.84
C THR A 168 11.35 0.24 3.52
N ALA A 169 10.14 -0.21 3.84
CA ALA A 169 9.17 0.66 4.50
C ALA A 169 8.59 -0.03 5.73
N HIS A 170 8.39 0.76 6.78
CA HIS A 170 7.82 0.26 8.01
C HIS A 170 6.64 1.15 8.40
N ILE A 171 5.49 0.53 8.61
CA ILE A 171 4.29 1.24 8.97
C ILE A 171 3.82 0.75 10.34
N SER A 172 3.42 1.68 11.21
CA SER A 172 3.00 1.32 12.55
C SER A 172 1.87 2.17 13.10
N TYR A 173 1.14 1.58 14.04
CA TYR A 173 -0.01 2.22 14.68
C TYR A 173 -0.49 1.41 15.88
N ASN A 174 -0.96 2.10 16.92
CA ASN A 174 -1.56 1.44 18.07
C ASN A 174 -2.64 2.43 18.52
N SER A 175 -3.71 1.91 19.12
CA SER A 175 -4.84 2.74 19.54
C SER A 175 -4.60 3.62 20.76
N ALA A 176 -3.43 3.50 21.38
CA ALA A 176 -3.13 4.33 22.54
C ALA A 176 -2.55 5.65 22.06
N SER A 177 -1.53 5.57 21.21
CA SER A 177 -0.86 6.75 20.66
C SER A 177 -1.72 7.43 19.61
N LYS A 178 -2.51 6.63 18.91
CA LYS A 178 -3.40 7.13 17.86
C LYS A 178 -2.61 7.94 16.84
N ARG A 179 -1.51 7.36 16.35
CA ARG A 179 -0.68 8.02 15.35
C ARG A 179 -0.17 6.98 14.37
N LEU A 180 -0.51 7.15 13.10
CA LEU A 180 -0.09 6.24 12.05
C LEU A 180 1.22 6.79 11.46
N SER A 181 2.28 5.99 11.53
CA SER A 181 3.56 6.46 11.01
C SER A 181 4.18 5.48 10.04
N VAL A 182 4.93 6.04 9.09
CA VAL A 182 5.62 5.25 8.10
C VAL A 182 7.03 5.81 7.93
N VAL A 183 8.01 4.92 7.84
CA VAL A 183 9.38 5.32 7.62
C VAL A 183 9.85 4.44 6.48
N SER A 184 10.46 5.07 5.47
CA SER A 184 10.92 4.32 4.30
C SER A 184 12.31 4.80 3.90
N SER A 185 13.12 3.90 3.37
CA SER A 185 14.46 4.27 2.96
C SER A 185 15.10 3.28 2.01
N TYR A 186 16.19 3.72 1.40
CA TYR A 186 16.96 2.92 0.48
C TYR A 186 18.30 2.73 1.17
N PRO A 187 19.06 1.71 0.77
CA PRO A 187 20.36 1.50 1.41
C PRO A 187 21.25 2.71 1.17
N ASN A 188 22.10 3.02 2.14
CA ASN A 188 23.03 4.15 1.99
C ASN A 188 22.30 5.44 1.66
N SER A 189 21.14 5.63 2.26
CA SER A 189 20.36 6.83 2.00
C SER A 189 19.69 7.36 3.26
N SER A 190 19.12 8.55 3.15
CA SER A 190 18.43 9.17 4.28
C SER A 190 16.96 8.77 4.25
N PRO A 191 16.47 8.20 5.36
CA PRO A 191 15.07 7.79 5.43
C PRO A 191 14.10 8.97 5.39
N VAL A 192 12.84 8.68 5.08
CA VAL A 192 11.80 9.69 5.06
C VAL A 192 10.69 9.17 5.96
N VAL A 193 10.12 10.04 6.78
CA VAL A 193 9.06 9.65 7.69
C VAL A 193 7.82 10.49 7.51
N VAL A 194 6.66 9.86 7.67
CA VAL A 194 5.40 10.55 7.56
C VAL A 194 4.51 10.03 8.67
N SER A 195 3.86 10.94 9.40
CA SER A 195 2.98 10.55 10.49
C SER A 195 1.70 11.36 10.43
N PHE A 196 0.63 10.80 10.97
CA PHE A 196 -0.66 11.48 11.00
C PHE A 196 -1.45 11.01 12.21
N ASP A 197 -1.96 11.95 13.00
CA ASP A 197 -2.73 11.56 14.17
C ASP A 197 -4.12 11.18 13.75
N VAL A 198 -4.47 9.92 13.99
CA VAL A 198 -5.78 9.43 13.63
C VAL A 198 -6.14 8.22 14.48
N GLU A 199 -7.40 8.10 14.84
CA GLU A 199 -7.88 6.97 15.62
C GLU A 199 -8.57 6.08 14.59
N LEU A 200 -7.85 5.09 14.10
CA LEU A 200 -8.36 4.20 13.06
C LEU A 200 -9.74 3.63 13.26
N ASN A 201 -10.12 3.33 14.50
CA ASN A 201 -11.44 2.75 14.75
C ASN A 201 -12.59 3.70 14.41
N ASN A 202 -12.28 4.94 14.07
CA ASN A 202 -13.31 5.91 13.72
CA ASN A 202 -13.30 5.92 13.72
C ASN A 202 -13.47 6.03 12.21
N VAL A 203 -12.59 5.38 11.47
CA VAL A 203 -12.64 5.42 10.00
C VAL A 203 -12.60 4.03 9.36
N ASX A 204 -12.35 3.00 10.15
CA ASX A 204 -12.30 1.62 9.65
C ASX A 204 -13.20 0.70 10.47
N PRO A 205 -13.75 -0.34 9.83
CA PRO A 205 -14.60 -1.29 10.56
C PRO A 205 -13.71 -2.13 11.48
N ASX A 206 -14.33 -2.96 12.31
CA ASX A 206 -13.58 -3.83 13.24
C ASX A 206 -12.74 -4.84 12.47
N TRP A 207 -13.35 -5.41 11.43
CA TRP A 207 -12.68 -6.39 10.58
C TRP A 207 -12.27 -5.76 9.26
N VAL A 208 -11.06 -6.10 8.80
CA VAL A 208 -10.56 -5.56 7.56
C VAL A 208 -9.69 -6.61 6.87
N ARG A 209 -9.18 -6.25 5.71
CA ARG A 209 -8.22 -7.10 5.02
C ARG A 209 -7.11 -6.12 4.70
N VAL A 210 -5.88 -6.60 4.65
CA VAL A 210 -4.76 -5.72 4.39
C VAL A 210 -3.94 -6.17 3.20
N GLY A 211 -3.31 -5.22 2.54
CA GLY A 211 -2.51 -5.56 1.39
C GLY A 211 -1.93 -4.38 0.67
N PHE A 212 -1.76 -4.54 -0.64
CA PHE A 212 -1.17 -3.51 -1.49
C PHE A 212 -2.03 -3.22 -2.72
N SER A 213 -1.82 -2.04 -3.29
CA SER A 213 -2.52 -1.62 -4.48
C SER A 213 -1.51 -0.81 -5.29
N ALA A 214 -1.66 -0.81 -6.61
CA ALA A 214 -0.73 -0.04 -7.44
C ALA A 214 -1.31 0.18 -8.81
N THR A 215 -0.78 1.17 -9.51
CA THR A 215 -1.25 1.50 -10.84
C THR A 215 -0.19 2.22 -11.67
N THR A 216 -0.44 2.23 -12.97
CA THR A 216 0.37 2.94 -13.95
C THR A 216 -0.73 3.67 -14.69
N GLY A 217 -0.39 4.74 -15.41
CA GLY A 217 -1.42 5.47 -16.14
C GLY A 217 -0.88 5.64 -17.55
N GLN A 218 -0.64 6.89 -17.93
CA GLN A 218 -0.06 7.15 -19.24
C GLN A 218 1.38 6.70 -19.10
N TYR A 219 1.98 7.01 -17.95
CA TYR A 219 3.36 6.64 -17.69
C TYR A 219 3.43 5.34 -16.90
N THR A 220 4.56 4.65 -16.96
CA THR A 220 4.66 3.36 -16.32
C THR A 220 5.84 3.13 -15.39
N GLN A 221 5.78 2.00 -14.70
CA GLN A 221 6.82 1.60 -13.77
C GLN A 221 6.39 0.25 -13.24
N THR A 222 7.34 -0.51 -12.71
CA THR A 222 7.00 -1.78 -12.10
C THR A 222 6.59 -1.37 -10.68
N ASN A 223 5.75 -2.18 -10.05
CA ASN A 223 5.30 -1.94 -8.68
C ASN A 223 5.40 -3.30 -8.01
N ASN A 224 6.64 -3.71 -7.73
CA ASN A 224 6.90 -5.01 -7.14
C ASN A 224 7.17 -5.04 -5.65
N ILE A 225 6.43 -5.90 -4.95
CA ILE A 225 6.63 -6.09 -3.52
C ILE A 225 7.54 -7.33 -3.48
N LEU A 226 8.68 -7.20 -2.81
CA LEU A 226 9.63 -8.30 -2.73
C LEU A 226 9.47 -9.17 -1.49
N ALA A 227 9.11 -8.53 -0.37
CA ALA A 227 8.94 -9.23 0.90
C ALA A 227 7.93 -8.43 1.74
N TRP A 228 7.24 -9.11 2.64
CA TRP A 228 6.23 -8.45 3.46
C TRP A 228 5.92 -9.19 4.76
N SER A 229 6.00 -8.48 5.88
CA SER A 229 5.66 -9.08 7.16
C SER A 229 4.58 -8.18 7.77
N PHE A 230 3.63 -8.79 8.47
CA PHE A 230 2.54 -8.04 9.08
C PHE A 230 2.24 -8.61 10.45
N ARG A 231 1.89 -7.74 11.40
CA ARG A 231 1.56 -8.18 12.73
C ARG A 231 0.47 -7.28 13.30
N SER A 232 -0.51 -7.90 13.95
CA SER A 232 -1.59 -7.15 14.56
C SER A 232 -1.97 -7.85 15.86
N SER A 233 -2.29 -7.07 16.89
CA SER A 233 -2.68 -7.67 18.16
C SER A 233 -3.71 -6.84 18.89
N LEU A 234 -4.60 -7.52 19.60
CA LEU A 234 -5.64 -6.88 20.39
C LEU A 234 -5.39 -7.38 21.81
N MET A 235 -5.03 -6.46 22.71
CA MET A 235 -4.76 -6.83 24.09
C MET A 235 -5.96 -6.47 24.97
N GLY A 236 -6.34 -7.37 25.86
CA GLY A 236 -7.48 -7.12 26.74
C GLY A 236 -7.17 -7.31 28.21
#